data_3NQJ
#
_entry.id   3NQJ
#
_cell.length_a   62.869
_cell.length_b   62.869
_cell.length_c   159.512
_cell.angle_alpha   90.00
_cell.angle_beta   90.00
_cell.angle_gamma   120.00
#
_symmetry.space_group_name_H-M   'P 65 2 2'
#
loop_
_entity.id
_entity.type
_entity.pdbx_description
1 polymer 'Histone H3-like centromeric protein A'
2 polymer 'Histone H4'
3 non-polymer 'PHOSPHATE ION'
4 water water
#
loop_
_entity_poly.entity_id
_entity_poly.type
_entity_poly.pdbx_seq_one_letter_code
_entity_poly.pdbx_strand_id
1 'polypeptide(L)'
;MLLIRKLPFSRLAREICVKFTRGVDFNWQAQALLALQEAAEAFLVHLFEDAYLLTLHAGRVTLFPKDVQLARRIRGLEEG
LG
;
A
2 'polypeptide(L)'
;MKVLRDNIQGITKPAIRRLARRGGVKRISGLIYEETRGVLKVFLENVIRDAVTYTEHAKRKTVTAMDVVYALKRQGRTLY
GFGG
;
B
#
# COMPACT_ATOMS: atom_id res chain seq x y z
N MET A 1 -1.58 -2.70 -16.28
CA MET A 1 -1.68 -1.38 -15.57
C MET A 1 -1.21 -1.46 -14.13
N LEU A 2 -1.71 -2.42 -13.37
CA LEU A 2 -1.20 -2.62 -12.02
C LEU A 2 0.23 -3.16 -12.08
N LEU A 3 1.11 -2.60 -11.26
CA LEU A 3 2.54 -2.90 -11.29
C LEU A 3 2.97 -4.07 -10.39
N ILE A 4 2.26 -4.27 -9.28
CA ILE A 4 2.50 -5.43 -8.44
C ILE A 4 1.71 -6.62 -8.97
N ARG A 5 2.31 -7.80 -9.04
CA ARG A 5 1.59 -9.01 -9.45
C ARG A 5 0.47 -9.29 -8.47
N LYS A 6 -0.68 -9.74 -8.98
CA LYS A 6 -1.87 -9.90 -8.16
C LYS A 6 -1.72 -10.96 -7.08
N LEU A 7 -1.02 -12.05 -7.39
CA LEU A 7 -0.84 -13.14 -6.43
C LEU A 7 0.07 -12.76 -5.25
N PRO A 8 1.25 -12.15 -5.52
CA PRO A 8 2.02 -11.67 -4.38
C PRO A 8 1.24 -10.70 -3.52
N PHE A 9 0.45 -9.82 -4.16
CA PHE A 9 -0.28 -8.80 -3.42
C PHE A 9 -1.35 -9.46 -2.53
N SER A 10 -2.07 -10.41 -3.13
CA SER A 10 -3.17 -11.06 -2.42
C SER A 10 -2.63 -11.89 -1.25
N ARG A 11 -1.45 -12.50 -1.40
CA ARG A 11 -0.84 -13.22 -0.29
C ARG A 11 -0.45 -12.29 0.86
N LEU A 12 -0.06 -11.07 0.53
CA LEU A 12 0.33 -10.13 1.54
C LEU A 12 -0.93 -9.62 2.25
N ALA A 13 -1.98 -9.36 1.48
CA ALA A 13 -3.22 -8.84 2.04
C ALA A 13 -3.86 -9.86 3.03
N ARG A 14 -3.85 -11.13 2.62
CA ARG A 14 -4.46 -12.20 3.35
C ARG A 14 -3.68 -12.39 4.63
N GLU A 15 -2.36 -12.34 4.54
CA GLU A 15 -1.50 -12.49 5.72
C GLU A 15 -1.76 -11.39 6.79
N ILE A 16 -1.99 -10.18 6.31
CA ILE A 16 -2.23 -9.02 7.19
C ILE A 16 -3.63 -9.15 7.80
N CYS A 17 -4.59 -9.58 6.98
CA CYS A 17 -5.94 -9.84 7.44
C CYS A 17 -5.96 -10.88 8.56
N VAL A 18 -5.32 -12.01 8.32
CA VAL A 18 -5.28 -13.09 9.31
C VAL A 18 -4.59 -12.66 10.61
N LYS A 19 -3.55 -11.84 10.53
CA LYS A 19 -2.90 -11.34 11.73
C LYS A 19 -3.84 -10.44 12.57
N PHE A 20 -4.63 -9.62 11.90
CA PHE A 20 -5.66 -8.82 12.56
C PHE A 20 -6.77 -9.71 13.17
N THR A 21 -7.28 -10.63 12.36
CA THR A 21 -8.48 -11.39 12.64
C THR A 21 -8.19 -12.53 13.63
N ARG A 22 -6.94 -13.00 13.59
CA ARG A 22 -6.46 -14.14 14.38
C ARG A 22 -7.26 -15.41 14.05
N GLY A 23 -7.76 -15.51 12.81
CA GLY A 23 -8.38 -16.74 12.34
C GLY A 23 -9.89 -16.71 12.14
N VAL A 24 -10.55 -15.59 12.39
CA VAL A 24 -11.98 -15.49 12.11
C VAL A 24 -12.16 -15.67 10.61
N ASP A 25 -13.12 -16.49 10.23
CA ASP A 25 -13.29 -16.88 8.84
C ASP A 25 -13.83 -15.73 8.00
N PHE A 26 -12.97 -15.16 7.17
CA PHE A 26 -13.42 -14.14 6.23
C PHE A 26 -12.87 -14.50 4.87
N ASN A 27 -13.54 -14.04 3.83
CA ASN A 27 -12.95 -14.15 2.52
C ASN A 27 -13.17 -12.87 1.74
N TRP A 28 -12.48 -12.75 0.62
CA TRP A 28 -12.47 -11.50 -0.09
C TRP A 28 -13.10 -11.74 -1.43
N GLN A 29 -13.94 -10.81 -1.88
CA GLN A 29 -14.37 -10.77 -3.27
C GLN A 29 -13.18 -10.37 -4.12
N ALA A 30 -13.09 -10.94 -5.33
CA ALA A 30 -12.04 -10.58 -6.26
C ALA A 30 -12.04 -9.08 -6.47
N GLN A 31 -13.23 -8.48 -6.60
CA GLN A 31 -13.40 -7.03 -6.79
C GLN A 31 -12.94 -6.24 -5.55
N ALA A 32 -13.06 -6.85 -4.38
CA ALA A 32 -12.48 -6.27 -3.16
C ALA A 32 -10.96 -6.25 -3.20
N LEU A 33 -10.33 -7.38 -3.52
CA LEU A 33 -8.85 -7.42 -3.52
C LEU A 33 -8.29 -6.49 -4.59
N LEU A 34 -9.05 -6.31 -5.68
CA LEU A 34 -8.66 -5.40 -6.77
C LEU A 34 -8.77 -3.94 -6.35
N ALA A 35 -9.91 -3.55 -5.79
CA ALA A 35 -10.09 -2.22 -5.18
C ALA A 35 -8.94 -1.90 -4.24
N LEU A 36 -8.57 -2.86 -3.40
CA LEU A 36 -7.52 -2.63 -2.42
C LEU A 36 -6.17 -2.40 -3.12
N GLN A 37 -5.83 -3.24 -4.08
CA GLN A 37 -4.56 -3.09 -4.78
C GLN A 37 -4.49 -1.77 -5.57
N GLU A 38 -5.59 -1.43 -6.25
CA GLU A 38 -5.66 -0.18 -7.00
C GLU A 38 -5.42 1.01 -6.10
N ALA A 39 -6.07 1.03 -4.93
CA ALA A 39 -5.88 2.12 -3.98
C ALA A 39 -4.46 2.10 -3.36
N ALA A 40 -3.92 0.92 -3.07
CA ALA A 40 -2.55 0.79 -2.54
C ALA A 40 -1.51 1.36 -3.51
N GLU A 41 -1.64 1.00 -4.79
CA GLU A 41 -0.69 1.48 -5.79
C GLU A 41 -0.81 2.99 -6.01
N ALA A 42 -2.05 3.49 -6.07
CA ALA A 42 -2.30 4.94 -6.20
C ALA A 42 -1.73 5.68 -4.98
N PHE A 43 -1.90 5.11 -3.79
CA PHE A 43 -1.34 5.68 -2.58
C PHE A 43 0.20 5.78 -2.71
N LEU A 44 0.85 4.70 -3.15
CA LEU A 44 2.32 4.69 -3.27
C LEU A 44 2.77 5.72 -4.33
N VAL A 45 2.11 5.71 -5.47
CA VAL A 45 2.41 6.70 -6.50
C VAL A 45 2.34 8.15 -5.99
N HIS A 46 1.22 8.52 -5.33
CA HIS A 46 1.06 9.90 -4.83
CA HIS A 46 1.04 9.88 -4.82
C HIS A 46 2.04 10.21 -3.69
N LEU A 47 2.44 9.19 -2.95
CA LEU A 47 3.43 9.41 -1.87
C LEU A 47 4.78 9.67 -2.51
N PHE A 48 5.07 8.92 -3.58
CA PHE A 48 6.30 9.14 -4.34
C PHE A 48 6.34 10.57 -4.93
N GLU A 49 5.23 11.01 -5.51
CA GLU A 49 5.16 12.41 -5.97
C GLU A 49 5.40 13.44 -4.82
N ASP A 50 4.68 13.31 -3.72
CA ASP A 50 4.91 14.19 -2.56
C ASP A 50 6.39 14.14 -2.07
N ALA A 51 6.94 12.94 -1.94
CA ALA A 51 8.28 12.80 -1.39
C ALA A 51 9.31 13.38 -2.37
N TYR A 52 9.02 13.30 -3.66
CA TYR A 52 9.95 13.85 -4.64
C TYR A 52 9.98 15.38 -4.60
N LEU A 53 8.87 16.00 -4.22
CA LEU A 53 8.89 17.45 -3.96
C LEU A 53 9.91 17.77 -2.90
N LEU A 54 10.07 16.89 -1.92
CA LEU A 54 11.04 17.13 -0.88
C LEU A 54 12.47 16.87 -1.36
N THR A 55 12.65 15.91 -2.27
CA THR A 55 13.98 15.65 -2.88
C THR A 55 14.49 16.92 -3.55
N LEU A 56 13.62 17.52 -4.37
CA LEU A 56 13.97 18.75 -5.07
C LEU A 56 14.15 19.90 -4.10
N HIS A 57 13.34 19.93 -3.03
CA HIS A 57 13.50 20.95 -1.99
C HIS A 57 14.90 20.83 -1.35
N ALA A 58 15.45 19.61 -1.23
CA ALA A 58 16.76 19.40 -0.62
C ALA A 58 17.88 19.63 -1.64
N GLY A 59 17.50 19.99 -2.88
CA GLY A 59 18.47 20.22 -3.94
C GLY A 59 18.98 18.94 -4.56
N ARG A 60 18.23 17.84 -4.45
CA ARG A 60 18.69 16.55 -4.98
C ARG A 60 17.82 16.09 -6.14
N VAL A 61 18.26 15.05 -6.85
CA VAL A 61 17.44 14.39 -7.88
C VAL A 61 17.18 12.88 -7.58
N THR A 62 17.78 12.38 -6.50
CA THR A 62 17.62 10.99 -6.05
C THR A 62 16.81 10.94 -4.76
N LEU A 63 15.72 10.18 -4.79
CA LEU A 63 14.86 10.02 -3.67
C LEU A 63 15.60 9.24 -2.57
N PHE A 64 15.60 9.82 -1.37
CA PHE A 64 16.24 9.23 -0.18
C PHE A 64 15.16 8.81 0.79
N PRO A 65 15.46 7.90 1.71
CA PRO A 65 14.34 7.58 2.60
C PRO A 65 13.80 8.77 3.43
N LYS A 66 14.68 9.71 3.80
CA LYS A 66 14.28 10.88 4.58
C LYS A 66 13.17 11.64 3.85
N ASP A 67 13.23 11.67 2.51
CA ASP A 67 12.18 12.34 1.72
C ASP A 67 10.82 11.68 1.92
N VAL A 68 10.82 10.35 1.96
CA VAL A 68 9.59 9.58 2.11
C VAL A 68 9.14 9.68 3.58
N GLN A 69 10.08 9.62 4.53
CA GLN A 69 9.68 9.71 5.92
C GLN A 69 9.10 11.09 6.24
N LEU A 70 9.71 12.15 5.72
CA LEU A 70 9.16 13.50 5.93
C LEU A 70 7.76 13.61 5.35
N ALA A 71 7.54 13.03 4.17
CA ALA A 71 6.23 13.11 3.53
C ALA A 71 5.16 12.39 4.38
N ARG A 72 5.53 11.23 4.93
CA ARG A 72 4.66 10.46 5.80
C ARG A 72 4.33 11.21 7.09
N ARG A 73 5.36 11.73 7.74
CA ARG A 73 5.23 12.57 8.93
C ARG A 73 4.23 13.71 8.65
N ILE A 74 4.43 14.44 7.56
CA ILE A 74 3.59 15.60 7.25
C ILE A 74 2.13 15.23 6.89
N ARG A 75 1.97 14.09 6.19
CA ARG A 75 0.66 13.48 5.92
C ARG A 75 -0.14 13.25 7.20
N GLY A 76 0.43 12.54 8.18
CA GLY A 76 -0.28 12.21 9.43
C GLY A 76 0.16 10.92 10.07
N ASP B 6 3.00 -14.22 4.54
CA ASP B 6 3.59 -14.69 3.26
C ASP B 6 3.12 -13.79 2.10
N ASN B 7 3.63 -12.56 1.93
CA ASN B 7 4.97 -12.11 2.32
C ASN B 7 5.33 -10.72 1.70
N ILE B 8 5.91 -9.84 2.54
CA ILE B 8 6.27 -8.48 2.19
C ILE B 8 7.45 -8.41 1.15
N GLN B 9 8.37 -9.37 1.22
CA GLN B 9 9.48 -9.54 0.25
C GLN B 9 9.01 -9.90 -1.17
N GLY B 10 7.75 -10.32 -1.32
CA GLY B 10 7.14 -10.54 -2.62
C GLY B 10 6.75 -9.24 -3.33
N ILE B 11 6.92 -8.11 -2.65
CA ILE B 11 6.81 -6.83 -3.34
C ILE B 11 8.21 -6.54 -3.87
N THR B 12 8.38 -6.74 -5.18
CA THR B 12 9.71 -6.85 -5.77
C THR B 12 10.35 -5.51 -6.05
N LYS B 13 11.67 -5.52 -6.23
CA LYS B 13 12.43 -4.34 -6.60
C LYS B 13 11.96 -3.70 -7.93
N PRO B 14 11.70 -4.49 -8.99
CA PRO B 14 11.21 -3.80 -10.21
C PRO B 14 9.83 -3.17 -10.06
N ALA B 15 8.91 -3.84 -9.35
CA ALA B 15 7.62 -3.26 -8.99
C ALA B 15 7.78 -1.90 -8.32
N ILE B 16 8.68 -1.85 -7.35
CA ILE B 16 8.91 -0.62 -6.58
C ILE B 16 9.50 0.52 -7.45
N ARG B 17 10.55 0.25 -8.22
CA ARG B 17 11.09 1.18 -9.22
C ARG B 17 10.04 1.73 -10.19
N ARG B 18 9.19 0.83 -10.67
CA ARG B 18 8.14 1.24 -11.61
C ARG B 18 7.03 2.10 -10.97
N LEU B 19 6.72 1.82 -9.70
CA LEU B 19 5.79 2.67 -8.93
C LEU B 19 6.39 4.04 -8.73
N ALA B 20 7.68 4.08 -8.37
CA ALA B 20 8.38 5.36 -8.19
C ALA B 20 8.39 6.12 -9.51
N ARG B 21 8.68 5.42 -10.61
CA ARG B 21 8.67 5.99 -11.95
C ARG B 21 7.32 6.58 -12.37
N ARG B 22 6.22 5.84 -12.16
CA ARG B 22 4.87 6.34 -12.40
C ARG B 22 4.60 7.62 -11.60
N GLY B 23 5.20 7.73 -10.41
CA GLY B 23 5.12 8.96 -9.61
C GLY B 23 6.17 10.00 -9.95
N GLY B 24 6.85 9.83 -11.09
CA GLY B 24 7.77 10.86 -11.60
C GLY B 24 9.15 10.83 -10.96
N VAL B 25 9.50 9.71 -10.36
CA VAL B 25 10.81 9.56 -9.72
C VAL B 25 11.65 8.57 -10.54
N LYS B 26 12.72 9.04 -11.17
CA LYS B 26 13.59 8.20 -12.02
C LYS B 26 14.71 7.54 -11.25
N ARG B 27 15.18 8.20 -10.19
CA ARG B 27 16.33 7.70 -9.45
C ARG B 27 16.00 7.55 -7.97
N ILE B 28 16.25 6.37 -7.42
CA ILE B 28 15.95 6.11 -6.02
C ILE B 28 17.17 5.50 -5.35
N SER B 29 17.27 5.76 -4.05
CA SER B 29 18.32 5.15 -3.22
C SER B 29 17.99 3.66 -3.08
N GLY B 30 19.00 2.80 -2.96
CA GLY B 30 18.73 1.40 -2.68
C GLY B 30 17.88 1.20 -1.43
N LEU B 31 17.92 2.21 -0.55
CA LEU B 31 17.19 2.16 0.73
C LEU B 31 15.69 2.31 0.59
N ILE B 32 15.28 2.75 -0.59
CA ILE B 32 13.89 2.98 -0.87
C ILE B 32 13.09 1.69 -0.92
N TYR B 33 13.73 0.56 -1.27
CA TYR B 33 13.01 -0.71 -1.38
C TYR B 33 12.38 -1.09 -0.04
N GLU B 34 13.17 -1.15 1.03
CA GLU B 34 12.62 -1.45 2.34
C GLU B 34 11.73 -0.30 2.85
N GLU B 35 12.01 0.93 2.43
CA GLU B 35 11.15 2.04 2.87
C GLU B 35 9.72 1.87 2.31
N THR B 36 9.62 1.53 1.03
CA THR B 36 8.32 1.34 0.35
C THR B 36 7.57 0.14 0.93
N ARG B 37 8.29 -0.97 1.16
CA ARG B 37 7.71 -2.13 1.80
C ARG B 37 7.06 -1.75 3.11
N GLY B 38 7.78 -0.97 3.92
CA GLY B 38 7.30 -0.55 5.23
C GLY B 38 6.05 0.30 5.15
N VAL B 39 6.09 1.33 4.29
CA VAL B 39 4.94 2.19 4.06
C VAL B 39 3.73 1.40 3.56
N LEU B 40 3.94 0.51 2.60
CA LEU B 40 2.85 -0.33 2.09
C LEU B 40 2.22 -1.20 3.17
N LYS B 41 3.05 -1.82 4.00
CA LYS B 41 2.53 -2.71 5.07
C LYS B 41 1.63 -1.91 6.04
N VAL B 42 2.05 -0.71 6.40
CA VAL B 42 1.30 0.12 7.33
C VAL B 42 -0.03 0.53 6.71
N PHE B 43 0.01 0.99 5.46
CA PHE B 43 -1.20 1.32 4.73
C PHE B 43 -2.19 0.14 4.68
N LEU B 44 -1.72 -1.06 4.34
CA LEU B 44 -2.62 -2.20 4.24
C LEU B 44 -3.13 -2.62 5.62
N GLU B 45 -2.27 -2.60 6.63
CA GLU B 45 -2.71 -2.94 7.98
C GLU B 45 -3.89 -2.07 8.40
N ASN B 46 -3.83 -0.76 8.09
CA ASN B 46 -4.91 0.14 8.48
C ASN B 46 -6.17 -0.06 7.65
N VAL B 47 -6.02 -0.10 6.33
CA VAL B 47 -7.16 -0.26 5.44
C VAL B 47 -7.85 -1.63 5.63
N ILE B 48 -7.05 -2.68 5.75
CA ILE B 48 -7.61 -4.02 5.92
C ILE B 48 -8.34 -4.14 7.25
N ARG B 49 -7.71 -3.67 8.32
CA ARG B 49 -8.35 -3.57 9.61
C ARG B 49 -9.73 -2.91 9.49
N ASP B 50 -9.79 -1.74 8.88
CA ASP B 50 -11.07 -1.02 8.80
C ASP B 50 -12.10 -1.71 7.91
N ALA B 51 -11.63 -2.27 6.79
CA ALA B 51 -12.51 -2.95 5.84
C ALA B 51 -13.14 -4.18 6.50
N VAL B 52 -12.32 -5.02 7.15
CA VAL B 52 -12.84 -6.20 7.83
C VAL B 52 -13.72 -5.85 9.02
N THR B 53 -13.35 -4.83 9.78
CA THR B 53 -14.17 -4.38 10.90
C THR B 53 -15.60 -4.02 10.44
N TYR B 54 -15.68 -3.39 9.27
CA TYR B 54 -16.93 -2.94 8.71
C TYR B 54 -17.76 -4.12 8.17
N THR B 55 -17.08 -5.09 7.53
CA THR B 55 -17.70 -6.37 7.17
C THR B 55 -18.28 -7.12 8.39
N GLU B 56 -17.55 -7.11 9.51
CA GLU B 56 -18.05 -7.71 10.76
C GLU B 56 -19.24 -6.98 11.38
N HIS B 57 -19.17 -5.64 11.43
CA HIS B 57 -20.28 -4.80 11.89
C HIS B 57 -21.54 -5.06 11.10
N ALA B 58 -21.39 -5.35 9.81
CA ALA B 58 -22.52 -5.69 8.95
C ALA B 58 -22.91 -7.17 9.01
N LYS B 59 -22.34 -7.94 9.95
CA LYS B 59 -22.64 -9.38 10.09
C LYS B 59 -22.47 -10.16 8.78
N ARG B 60 -21.47 -9.82 7.99
CA ARG B 60 -21.18 -10.51 6.74
C ARG B 60 -19.86 -11.27 6.84
N LYS B 61 -19.63 -12.20 5.92
CA LYS B 61 -18.42 -13.03 5.94
C LYS B 61 -17.50 -12.76 4.76
N THR B 62 -18.01 -12.03 3.77
CA THR B 62 -17.23 -11.71 2.59
C THR B 62 -16.98 -10.23 2.51
N VAL B 63 -15.70 -9.86 2.49
CA VAL B 63 -15.26 -8.47 2.30
C VAL B 63 -15.52 -8.09 0.83
N THR B 64 -16.28 -7.01 0.65
CA THR B 64 -16.68 -6.51 -0.67
C THR B 64 -15.88 -5.25 -1.06
N ALA B 65 -16.00 -4.82 -2.31
CA ALA B 65 -15.39 -3.57 -2.77
C ALA B 65 -15.93 -2.36 -2.03
N MET B 66 -17.23 -2.34 -1.71
CA MET B 66 -17.80 -1.26 -0.90
C MET B 66 -17.24 -1.25 0.55
N ASP B 67 -16.85 -2.41 1.07
CA ASP B 67 -16.23 -2.48 2.41
C ASP B 67 -14.87 -1.77 2.37
N VAL B 68 -14.08 -2.09 1.33
CA VAL B 68 -12.78 -1.49 1.08
C VAL B 68 -12.91 0.04 0.81
N VAL B 69 -13.89 0.43 0.01
CA VAL B 69 -14.14 1.84 -0.25
C VAL B 69 -14.45 2.63 1.03
N TYR B 70 -15.31 2.08 1.89
CA TYR B 70 -15.55 2.66 3.21
C TYR B 70 -14.27 2.85 4.04
N ALA B 71 -13.39 1.84 4.01
CA ALA B 71 -12.16 1.83 4.80
C ALA B 71 -11.24 2.94 4.30
N LEU B 72 -11.19 3.06 2.97
CA LEU B 72 -10.34 4.05 2.34
C LEU B 72 -10.75 5.46 2.70
N LYS B 73 -12.07 5.67 2.84
CA LYS B 73 -12.61 7.01 3.09
C LYS B 73 -12.19 7.61 4.43
N ARG B 74 -11.74 6.76 5.36
CA ARG B 74 -11.24 7.20 6.66
C ARG B 74 -9.79 7.75 6.62
#